data_3UB6
#
_entry.id   3UB6
#
_cell.length_a   79.608
_cell.length_b   81.881
_cell.length_c   94.534
_cell.angle_alpha   90.00
_cell.angle_beta   90.00
_cell.angle_gamma   90.00
#
_symmetry.space_group_name_H-M   'P 21 21 21'
#
loop_
_entity.id
_entity.type
_entity.pdbx_description
1 polymer 'chemoreceptor TlpB'
2 non-polymer UREA
3 non-polymer 'SULFATE ION'
4 non-polymer DI(HYDROXYETHYL)ETHER
5 non-polymer GLYCEROL
6 water water
#
_entity_poly.entity_id   1
_entity_poly.type   'polypeptide(L)'
_entity_poly.pdbx_seq_one_letter_code
;GSKVMQKDVLAQLMEHLETGQYKKREKTLAYMTKILEQGIHEYYKSFDNDTARKMALDYFKRINDDKGMIYMVVVDKNGV
VLFDPVNPKTVGQSGLDAQSVDGVYYVRGYLEAAKKGGGYTYYKMPKYDGGVPEKKFAYSHYDEVSQMVIAATSYYTDIN
TENKAIKEGVNKVFNENTTRL
;
_entity_poly.pdbx_strand_id   A,B
#
loop_
_chem_comp.id
_chem_comp.type
_chem_comp.name
_chem_comp.formula
GOL non-polymer GLYCEROL 'C3 H8 O3'
PEG non-polymer DI(HYDROXYETHYL)ETHER 'C4 H10 O3'
SO4 non-polymer 'SULFATE ION' 'O4 S -2'
URE non-polymer UREA 'C H4 N2 O'
#
# COMPACT_ATOMS: atom_id res chain seq x y z
N LEU A 10 21.92 23.75 -6.92
CA LEU A 10 20.43 23.56 -6.94
C LEU A 10 20.03 22.47 -7.92
N ALA A 11 20.77 22.37 -9.02
CA ALA A 11 20.48 21.36 -10.06
C ALA A 11 20.95 19.97 -9.64
N GLN A 12 22.12 19.91 -9.01
CA GLN A 12 22.69 18.65 -8.52
C GLN A 12 21.80 18.10 -7.39
N LEU A 13 21.37 19.00 -6.50
CA LEU A 13 20.48 18.62 -5.41
C LEU A 13 19.20 18.06 -5.98
N MET A 14 18.58 18.75 -6.93
CA MET A 14 17.34 18.29 -7.54
C MET A 14 17.50 16.91 -8.20
N GLU A 15 18.58 16.70 -8.94
CA GLU A 15 18.81 15.40 -9.58
C GLU A 15 18.90 14.25 -8.57
N HIS A 16 19.72 14.42 -7.54
CA HIS A 16 19.94 13.41 -6.51
C HIS A 16 18.65 13.17 -5.73
N LEU A 17 17.89 14.24 -5.55
CA LEU A 17 16.63 14.16 -4.87
C LEU A 17 15.61 13.33 -5.68
N GLU A 18 15.54 13.59 -6.98
CA GLU A 18 14.64 12.88 -7.87
C GLU A 18 14.99 11.39 -7.96
N THR A 19 16.27 11.10 -8.14
CA THR A 19 16.75 9.73 -8.19
C THR A 19 16.46 9.01 -6.85
N GLY A 20 16.61 9.73 -5.75
CA GLY A 20 16.36 9.16 -4.45
C GLY A 20 14.90 8.81 -4.25
N GLN A 21 14.01 9.67 -4.74
CA GLN A 21 12.58 9.44 -4.65
C GLN A 21 12.16 8.23 -5.50
N TYR A 22 12.83 8.05 -6.64
CA TYR A 22 12.52 6.90 -7.49
C TYR A 22 12.97 5.60 -6.80
N LYS A 23 14.17 5.61 -6.23
CA LYS A 23 14.68 4.44 -5.49
C LYS A 23 13.77 4.12 -4.30
N LYS A 24 13.29 5.15 -3.59
CA LYS A 24 12.37 4.92 -2.46
C LYS A 24 11.08 4.25 -2.96
N ARG A 25 10.54 4.72 -4.08
CA ARG A 25 9.32 4.13 -4.64
C ARG A 25 9.55 2.68 -5.09
N GLU A 26 10.74 2.36 -5.59
CA GLU A 26 11.05 0.98 -5.89
C GLU A 26 10.84 0.11 -4.62
N LYS A 27 11.36 0.56 -3.48
CA LYS A 27 11.21 -0.22 -2.25
C LYS A 27 9.73 -0.28 -1.84
N THR A 28 9.03 0.82 -1.97
CA THR A 28 7.59 0.85 -1.67
C THR A 28 6.85 -0.21 -2.46
N LEU A 29 7.14 -0.33 -3.77
CA LEU A 29 6.44 -1.31 -4.58
C LEU A 29 6.71 -2.73 -4.12
N ALA A 30 7.94 -3.04 -3.69
CA ALA A 30 8.24 -4.38 -3.19
C ALA A 30 7.36 -4.67 -1.93
N TYR A 31 7.23 -3.69 -1.04
CA TYR A 31 6.42 -3.82 0.17
C TYR A 31 4.94 -3.95 -0.15
N MET A 32 4.45 -3.10 -1.05
CA MET A 32 3.04 -3.17 -1.38
CA MET A 32 3.07 -3.13 -1.52
C MET A 32 2.72 -4.50 -2.06
N THR A 33 3.63 -5.04 -2.90
CA THR A 33 3.37 -6.32 -3.51
C THR A 33 3.24 -7.40 -2.44
N LYS A 34 4.13 -7.37 -1.43
CA LYS A 34 4.06 -8.31 -0.33
CA LYS A 34 4.04 -8.32 -0.35
C LYS A 34 2.70 -8.24 0.38
N ILE A 35 2.27 -7.04 0.74
CA ILE A 35 0.99 -6.94 1.46
C ILE A 35 -0.21 -7.29 0.59
N LEU A 36 -0.14 -7.02 -0.72
CA LEU A 36 -1.24 -7.40 -1.62
C LEU A 36 -1.31 -8.93 -1.75
N GLU A 37 -0.15 -9.59 -1.86
CA GLU A 37 -0.12 -11.04 -1.85
C GLU A 37 -0.74 -11.58 -0.57
N GLN A 38 -0.34 -11.02 0.58
CA GLN A 38 -0.91 -11.48 1.84
C GLN A 38 -2.43 -11.31 1.87
N GLY A 39 -2.93 -10.24 1.24
CA GLY A 39 -4.35 -10.03 1.19
C GLY A 39 -5.09 -11.05 0.33
N ILE A 40 -4.57 -11.27 -0.90
CA ILE A 40 -5.23 -12.24 -1.78
C ILE A 40 -5.12 -13.68 -1.25
N HIS A 41 -4.13 -13.93 -0.38
CA HIS A 41 -4.07 -15.25 0.24
C HIS A 41 -5.35 -15.59 1.02
N GLU A 42 -6.05 -14.59 1.54
CA GLU A 42 -7.35 -14.87 2.19
C GLU A 42 -8.35 -15.45 1.17
N TYR A 43 -8.27 -14.98 -0.08
CA TYR A 43 -9.17 -15.50 -1.09
C TYR A 43 -8.85 -16.97 -1.37
N TYR A 44 -7.55 -17.24 -1.56
CA TYR A 44 -7.10 -18.59 -1.87
C TYR A 44 -7.34 -19.60 -0.74
N LYS A 45 -7.30 -19.13 0.50
CA LYS A 45 -7.54 -20.03 1.62
C LYS A 45 -8.99 -20.44 1.75
N SER A 46 -9.92 -19.61 1.25
CA SER A 46 -11.32 -19.77 1.57
C SER A 46 -12.27 -20.02 0.40
N PHE A 47 -11.77 -19.91 -0.84
CA PHE A 47 -12.55 -20.09 -2.05
C PHE A 47 -11.83 -21.05 -2.99
N ASP A 48 -12.57 -21.71 -3.86
CA ASP A 48 -11.95 -22.58 -4.86
C ASP A 48 -10.99 -21.77 -5.77
N ASN A 49 -10.04 -22.47 -6.40
CA ASN A 49 -8.99 -21.85 -7.20
CA ASN A 49 -8.96 -21.76 -7.08
C ASN A 49 -9.48 -20.80 -8.20
N ASP A 50 -10.46 -21.21 -8.97
CA ASP A 50 -10.98 -20.33 -10.03
C ASP A 50 -11.65 -19.09 -9.44
N THR A 51 -12.38 -19.26 -8.34
CA THR A 51 -13.06 -18.14 -7.69
C THR A 51 -12.04 -17.20 -7.05
N ALA A 52 -11.02 -17.77 -6.40
CA ALA A 52 -9.98 -16.98 -5.74
C ALA A 52 -9.26 -16.13 -6.81
N ARG A 53 -8.91 -16.74 -7.93
CA ARG A 53 -8.24 -15.98 -8.99
C ARG A 53 -9.14 -14.85 -9.49
N LYS A 54 -10.43 -15.11 -9.70
CA LYS A 54 -11.35 -14.05 -10.12
CA LYS A 54 -11.32 -14.05 -10.14
C LYS A 54 -11.39 -12.92 -9.11
N MET A 55 -11.46 -13.26 -7.84
CA MET A 55 -11.46 -12.26 -6.77
C MET A 55 -10.20 -11.42 -6.78
N ALA A 56 -9.05 -12.07 -7.00
CA ALA A 56 -7.78 -11.36 -7.04
C ALA A 56 -7.77 -10.34 -8.21
N LEU A 57 -8.21 -10.78 -9.39
CA LEU A 57 -8.15 -9.92 -10.56
C LEU A 57 -9.24 -8.84 -10.50
N ASP A 58 -10.39 -9.12 -9.89
CA ASP A 58 -11.42 -8.10 -9.66
CA ASP A 58 -11.41 -8.11 -9.68
C ASP A 58 -10.87 -7.03 -8.73
N TYR A 59 -10.17 -7.46 -7.67
CA TYR A 59 -9.56 -6.54 -6.75
C TYR A 59 -8.53 -5.66 -7.47
N PHE A 60 -7.66 -6.29 -8.26
CA PHE A 60 -6.64 -5.52 -8.97
C PHE A 60 -7.27 -4.50 -9.94
N LYS A 61 -8.39 -4.87 -10.58
CA LYS A 61 -9.13 -3.89 -11.38
C LYS A 61 -9.54 -2.69 -10.54
N ARG A 62 -10.04 -2.93 -9.32
CA ARG A 62 -10.43 -1.83 -8.45
CA ARG A 62 -10.44 -1.86 -8.44
C ARG A 62 -9.23 -0.97 -8.08
N ILE A 63 -8.06 -1.58 -7.83
CA ILE A 63 -6.86 -0.79 -7.58
C ILE A 63 -6.52 0.08 -8.78
N ASN A 64 -6.48 -0.51 -9.95
CA ASN A 64 -6.13 0.28 -11.14
C ASN A 64 -7.16 1.41 -11.39
N ASP A 65 -8.41 1.11 -11.14
CA ASP A 65 -9.49 2.11 -11.31
C ASP A 65 -9.38 3.26 -10.33
N ASP A 66 -8.67 3.08 -9.23
CA ASP A 66 -8.45 4.14 -8.26
C ASP A 66 -7.53 5.23 -8.83
N LYS A 67 -6.71 4.87 -9.84
CA LYS A 67 -5.84 5.85 -10.49
CA LYS A 67 -5.79 5.81 -10.50
C LYS A 67 -4.94 6.57 -9.48
N GLY A 68 -4.32 5.80 -8.60
CA GLY A 68 -3.48 6.32 -7.57
C GLY A 68 -2.03 5.94 -7.72
N MET A 69 -1.40 5.51 -6.63
CA MET A 69 0.04 5.30 -6.63
C MET A 69 0.49 4.18 -7.52
N ILE A 70 -0.27 3.10 -7.57
CA ILE A 70 0.15 1.91 -8.29
C ILE A 70 -0.90 1.37 -9.25
N TYR A 71 -0.41 0.62 -10.23
CA TYR A 71 -1.24 -0.09 -11.20
C TYR A 71 -0.68 -1.49 -11.32
N MET A 72 -1.54 -2.49 -11.24
CA MET A 72 -1.14 -3.88 -11.28
C MET A 72 -1.11 -4.43 -12.71
N VAL A 73 -0.20 -5.38 -12.93
CA VAL A 73 -0.13 -6.22 -14.10
C VAL A 73 0.11 -7.65 -13.58
N VAL A 74 -0.50 -8.66 -14.18
CA VAL A 74 -0.30 -10.05 -13.73
C VAL A 74 -0.10 -10.97 -14.92
N VAL A 75 0.91 -11.84 -14.82
CA VAL A 75 1.15 -12.88 -15.81
C VAL A 75 1.32 -14.22 -15.07
N ASP A 76 1.15 -15.33 -15.77
CA ASP A 76 1.42 -16.61 -15.18
C ASP A 76 2.92 -16.95 -15.38
N LYS A 77 3.38 -18.06 -14.77
CA LYS A 77 4.83 -18.40 -14.78
C LYS A 77 5.41 -18.67 -16.15
N ASN A 78 4.52 -18.92 -17.10
CA ASN A 78 4.90 -19.15 -18.49
C ASN A 78 4.77 -17.92 -19.36
N GLY A 79 4.34 -16.81 -18.77
CA GLY A 79 4.24 -15.55 -19.52
C GLY A 79 2.89 -15.27 -20.15
N VAL A 80 1.89 -16.06 -19.85
CA VAL A 80 0.52 -15.76 -20.33
C VAL A 80 0.00 -14.56 -19.53
N VAL A 81 -0.52 -13.56 -20.22
CA VAL A 81 -1.04 -12.38 -19.53
C VAL A 81 -2.38 -12.69 -18.90
N LEU A 82 -2.48 -12.44 -17.59
CA LEU A 82 -3.71 -12.66 -16.85
C LEU A 82 -4.48 -11.39 -16.60
N PHE A 83 -3.79 -10.24 -16.50
CA PHE A 83 -4.43 -8.99 -16.13
C PHE A 83 -3.60 -7.83 -16.63
N ASP A 84 -4.21 -6.99 -17.48
CA ASP A 84 -3.56 -5.77 -17.93
C ASP A 84 -4.59 -4.87 -18.64
N PRO A 85 -5.30 -4.04 -17.87
CA PRO A 85 -6.34 -3.22 -18.51
C PRO A 85 -5.85 -2.23 -19.56
N VAL A 86 -4.55 -1.90 -19.56
CA VAL A 86 -4.01 -1.02 -20.60
C VAL A 86 -3.96 -1.73 -21.95
N ASN A 87 -3.78 -3.05 -21.91
CA ASN A 87 -3.61 -3.87 -23.10
C ASN A 87 -4.55 -5.09 -23.06
N PRO A 88 -5.86 -4.83 -23.04
CA PRO A 88 -6.81 -5.88 -22.79
C PRO A 88 -6.79 -7.05 -23.76
N LYS A 89 -6.41 -6.80 -25.00
CA LYS A 89 -6.41 -7.88 -25.97
C LYS A 89 -5.30 -8.89 -25.71
N THR A 90 -4.30 -8.54 -24.88
CA THR A 90 -3.22 -9.46 -24.60
C THR A 90 -3.63 -10.48 -23.53
N VAL A 91 -4.73 -10.25 -22.83
CA VAL A 91 -5.16 -11.15 -21.75
C VAL A 91 -5.54 -12.50 -22.33
N GLY A 92 -4.99 -13.56 -21.77
CA GLY A 92 -5.23 -14.91 -22.19
C GLY A 92 -4.23 -15.44 -23.21
N GLN A 93 -3.39 -14.54 -23.72
CA GLN A 93 -2.38 -14.81 -24.72
CA GLN A 93 -2.39 -15.00 -24.66
C GLN A 93 -0.97 -14.86 -24.11
N SER A 94 -0.05 -15.59 -24.71
CA SER A 94 1.35 -15.49 -24.35
C SER A 94 1.80 -14.06 -24.56
N GLY A 95 2.52 -13.52 -23.57
CA GLY A 95 3.13 -12.24 -23.67
C GLY A 95 4.62 -12.27 -23.90
N LEU A 96 5.16 -13.45 -24.22
CA LEU A 96 6.62 -13.58 -24.34
C LEU A 96 7.23 -12.73 -25.45
N ASP A 97 6.47 -12.43 -26.49
CA ASP A 97 7.00 -11.61 -27.59
C ASP A 97 6.40 -10.20 -27.57
N ALA A 98 5.72 -9.84 -26.49
CA ALA A 98 5.15 -8.50 -26.36
C ALA A 98 6.26 -7.50 -26.12
N GLN A 99 6.21 -6.38 -26.84
CA GLN A 99 7.17 -5.32 -26.64
C GLN A 99 6.48 -4.03 -26.31
N SER A 100 7.05 -3.27 -25.40
CA SER A 100 6.65 -1.89 -25.19
C SER A 100 7.06 -1.05 -26.42
N VAL A 101 6.57 0.18 -26.50
CA VAL A 101 6.91 1.04 -27.65
C VAL A 101 8.39 1.41 -27.69
N ASP A 102 9.08 1.34 -26.54
CA ASP A 102 10.50 1.55 -26.46
C ASP A 102 11.31 0.24 -26.59
N GLY A 103 10.66 -0.82 -27.05
CA GLY A 103 11.35 -2.04 -27.41
C GLY A 103 11.70 -2.99 -26.30
N VAL A 104 11.05 -2.87 -25.16
CA VAL A 104 11.33 -3.75 -24.02
C VAL A 104 10.38 -4.92 -24.01
N TYR A 105 10.90 -6.14 -23.84
CA TYR A 105 10.07 -7.33 -23.68
C TYR A 105 9.62 -7.31 -22.21
N TYR A 106 8.56 -6.59 -21.93
CA TYR A 106 8.19 -6.32 -20.55
C TYR A 106 7.80 -7.59 -19.79
N VAL A 107 7.10 -8.52 -20.46
CA VAL A 107 6.73 -9.77 -19.78
C VAL A 107 7.97 -10.62 -19.47
N ARG A 108 8.89 -10.71 -20.41
CA ARG A 108 10.18 -11.39 -20.11
C ARG A 108 10.83 -10.73 -18.89
N GLY A 109 10.79 -9.42 -18.80
CA GLY A 109 11.33 -8.70 -17.65
C GLY A 109 10.65 -9.10 -16.36
N TYR A 110 9.33 -9.21 -16.39
CA TYR A 110 8.61 -9.61 -15.18
C TYR A 110 9.10 -10.99 -14.72
N LEU A 111 9.22 -11.90 -15.66
CA LEU A 111 9.60 -13.29 -15.35
C LEU A 111 11.04 -13.40 -14.85
N GLU A 112 11.95 -12.64 -15.48
CA GLU A 112 13.35 -12.68 -15.08
CA GLU A 112 13.37 -12.65 -15.10
C GLU A 112 13.48 -12.17 -13.66
N ALA A 113 12.77 -11.07 -13.35
CA ALA A 113 12.82 -10.51 -12.02
C ALA A 113 12.23 -11.48 -10.98
N ALA A 114 11.11 -12.12 -11.31
CA ALA A 114 10.47 -13.06 -10.39
C ALA A 114 11.38 -14.28 -10.13
N LYS A 115 12.08 -14.75 -11.16
CA LYS A 115 12.98 -15.92 -11.03
C LYS A 115 14.13 -15.64 -10.05
N LYS A 116 14.51 -14.38 -9.92
CA LYS A 116 15.56 -13.94 -8.98
C LYS A 116 15.04 -13.70 -7.55
N GLY A 117 13.74 -13.89 -7.34
CA GLY A 117 13.12 -13.61 -6.06
C GLY A 117 12.45 -12.27 -5.92
N GLY A 118 12.34 -11.56 -7.05
CA GLY A 118 11.73 -10.24 -7.09
C GLY A 118 12.68 -9.25 -7.72
N GLY A 119 12.15 -8.32 -8.49
CA GLY A 119 12.98 -7.31 -9.10
C GLY A 119 12.21 -6.40 -10.04
N TYR A 120 12.96 -5.65 -10.85
CA TYR A 120 12.40 -4.50 -11.56
C TYR A 120 12.56 -4.61 -13.07
N THR A 121 11.57 -4.03 -13.76
CA THR A 121 11.51 -3.93 -15.23
C THR A 121 11.14 -2.47 -15.56
N TYR A 122 11.85 -1.89 -16.52
CA TYR A 122 11.73 -0.47 -16.88
C TYR A 122 11.32 -0.37 -18.35
N TYR A 123 10.26 0.38 -18.61
CA TYR A 123 9.74 0.47 -19.99
C TYR A 123 8.69 1.57 -20.07
N LYS A 124 8.28 1.90 -21.30
CA LYS A 124 7.23 2.91 -21.50
C LYS A 124 5.90 2.24 -21.80
N MET A 125 4.83 2.84 -21.32
CA MET A 125 3.49 2.32 -21.51
C MET A 125 2.51 3.43 -21.21
N PRO A 126 1.35 3.43 -21.87
CA PRO A 126 0.33 4.38 -21.44
C PRO A 126 -0.19 4.05 -20.05
N LYS A 127 -0.92 5.00 -19.47
CA LYS A 127 -1.66 4.78 -18.23
C LYS A 127 -3.01 4.13 -18.46
N TYR A 128 -3.54 4.22 -19.68
CA TYR A 128 -4.78 3.62 -20.07
C TYR A 128 -4.73 3.29 -21.55
N ASP A 129 -5.58 2.35 -21.98
CA ASP A 129 -5.61 1.87 -23.34
C ASP A 129 -5.84 3.04 -24.32
N GLY A 130 -4.90 3.25 -25.21
CA GLY A 130 -4.97 4.34 -26.20
C GLY A 130 -4.33 5.65 -25.79
N GLY A 131 -3.80 5.73 -24.57
CA GLY A 131 -3.21 6.94 -24.07
C GLY A 131 -1.76 7.17 -24.53
N VAL A 132 -1.21 8.31 -24.16
CA VAL A 132 0.16 8.64 -24.48
C VAL A 132 1.11 7.77 -23.64
N PRO A 133 2.10 7.16 -24.28
CA PRO A 133 3.04 6.31 -23.52
C PRO A 133 3.92 7.12 -22.60
N GLU A 134 4.18 6.58 -21.41
CA GLU A 134 5.14 7.26 -20.57
CA GLU A 134 4.92 7.23 -20.32
C GLU A 134 5.96 6.29 -19.74
N LYS A 135 7.09 6.80 -19.29
CA LYS A 135 8.05 5.95 -18.62
C LYS A 135 7.48 5.44 -17.28
N LYS A 136 7.71 4.16 -17.04
CA LYS A 136 7.26 3.54 -15.80
C LYS A 136 8.21 2.43 -15.39
N PHE A 137 7.93 1.85 -14.23
CA PHE A 137 8.66 0.65 -13.81
C PHE A 137 7.73 -0.27 -13.07
N ALA A 138 8.13 -1.55 -13.04
CA ALA A 138 7.41 -2.61 -12.40
C ALA A 138 8.28 -3.39 -11.45
N TYR A 139 7.75 -3.66 -10.25
CA TYR A 139 8.32 -4.67 -9.36
C TYR A 139 7.51 -5.95 -9.54
N SER A 140 8.14 -7.07 -9.85
CA SER A 140 7.40 -8.30 -10.02
C SER A 140 7.92 -9.36 -9.02
N HIS A 141 7.06 -10.31 -8.69
CA HIS A 141 7.33 -11.36 -7.72
C HIS A 141 6.40 -12.53 -7.99
N TYR A 142 6.91 -13.74 -7.84
CA TYR A 142 6.12 -14.95 -7.96
C TYR A 142 5.48 -15.31 -6.63
N ASP A 143 4.15 -15.25 -6.62
CA ASP A 143 3.38 -15.63 -5.43
C ASP A 143 3.10 -17.12 -5.49
N GLU A 144 3.68 -17.89 -4.55
CA GLU A 144 3.49 -19.34 -4.67
CA GLU A 144 3.56 -19.32 -4.52
C GLU A 144 2.11 -19.83 -4.33
N VAL A 145 1.34 -19.11 -3.52
CA VAL A 145 -0.01 -19.53 -3.21
C VAL A 145 -0.92 -19.43 -4.46
N SER A 146 -0.90 -18.28 -5.12
CA SER A 146 -1.77 -18.10 -6.28
C SER A 146 -1.17 -18.61 -7.58
N GLN A 147 0.13 -18.83 -7.57
CA GLN A 147 0.88 -19.23 -8.76
C GLN A 147 0.78 -18.18 -9.86
N MET A 148 0.84 -16.93 -9.45
CA MET A 148 0.85 -15.80 -10.35
C MET A 148 2.12 -14.98 -10.16
N VAL A 149 2.62 -14.43 -11.26
CA VAL A 149 3.66 -13.41 -11.24
C VAL A 149 2.95 -12.05 -11.19
N ILE A 150 2.99 -11.45 -10.01
CA ILE A 150 2.32 -10.19 -9.72
C ILE A 150 3.26 -9.04 -9.85
N ALA A 151 2.87 -8.03 -10.63
CA ALA A 151 3.65 -6.82 -10.81
C ALA A 151 2.87 -5.60 -10.31
N ALA A 152 3.47 -4.86 -9.36
CA ALA A 152 3.02 -3.54 -8.94
C ALA A 152 3.83 -2.56 -9.74
N THR A 153 3.18 -1.55 -10.31
CA THR A 153 3.87 -0.63 -11.19
C THR A 153 3.55 0.81 -10.82
N SER A 154 4.48 1.71 -11.15
CA SER A 154 4.24 3.15 -10.97
C SER A 154 4.85 3.90 -12.16
N TYR A 155 4.27 5.07 -12.44
CA TYR A 155 4.68 5.97 -13.49
C TYR A 155 5.53 7.09 -12.89
N TYR A 156 6.63 7.42 -13.56
CA TYR A 156 7.48 8.48 -13.06
C TYR A 156 6.74 9.83 -12.95
N THR A 157 5.82 10.11 -13.89
CA THR A 157 5.02 11.35 -13.79
CA THR A 157 5.10 11.35 -13.82
C THR A 157 4.29 11.44 -12.48
N ASP A 158 3.73 10.31 -12.04
CA ASP A 158 2.99 10.27 -10.80
C ASP A 158 3.88 10.48 -9.57
N ILE A 159 5.04 9.86 -9.59
CA ILE A 159 5.99 10.04 -8.49
C ILE A 159 6.38 11.50 -8.40
N ASN A 160 6.61 12.13 -9.55
CA ASN A 160 6.93 13.56 -9.55
C ASN A 160 5.79 14.41 -9.00
N THR A 161 4.56 14.09 -9.37
CA THR A 161 3.39 14.80 -8.84
C THR A 161 3.33 14.71 -7.32
N GLU A 162 3.49 13.51 -6.81
CA GLU A 162 3.43 13.28 -5.38
C GLU A 162 4.51 14.04 -4.62
N ASN A 163 5.65 14.26 -5.27
CA ASN A 163 6.80 14.92 -4.67
C ASN A 163 6.91 16.40 -5.03
N LYS A 164 5.86 16.94 -5.64
CA LYS A 164 5.89 18.33 -6.14
C LYS A 164 6.03 19.33 -4.99
N ALA A 165 5.29 19.13 -3.89
CA ALA A 165 5.36 20.07 -2.77
C ALA A 165 6.75 20.04 -2.14
N ILE A 166 7.32 18.84 -2.00
CA ILE A 166 8.69 18.71 -1.52
C ILE A 166 9.65 19.51 -2.42
N LYS A 167 9.50 19.36 -3.73
CA LYS A 167 10.36 20.04 -4.71
C LYS A 167 10.21 21.55 -4.65
N GLU A 168 8.98 22.01 -4.51
CA GLU A 168 8.73 23.45 -4.47
C GLU A 168 9.28 24.08 -3.18
N GLY A 169 9.25 23.31 -2.09
CA GLY A 169 9.80 23.79 -0.82
C GLY A 169 11.31 23.96 -0.89
N VAL A 170 11.99 23.02 -1.54
CA VAL A 170 13.44 23.08 -1.70
C VAL A 170 13.82 24.29 -2.55
N ASN A 171 13.06 24.50 -3.63
CA ASN A 171 13.27 25.66 -4.48
C ASN A 171 13.08 26.95 -3.69
N LYS A 172 12.06 26.99 -2.83
CA LYS A 172 11.79 28.18 -2.00
C LYS A 172 13.01 28.49 -1.09
N VAL A 173 13.69 27.44 -0.61
CA VAL A 173 14.88 27.61 0.24
C VAL A 173 16.17 27.50 -0.59
N LEU B 10 20.95 25.10 5.08
CA LEU B 10 21.00 23.61 5.03
C LEU B 10 20.07 23.00 6.07
N ALA B 11 20.00 23.64 7.24
CA ALA B 11 19.11 23.20 8.32
C ALA B 11 17.64 23.47 7.96
N GLN B 12 17.39 24.63 7.35
CA GLN B 12 16.02 24.99 6.93
C GLN B 12 15.56 24.05 5.81
N LEU B 13 16.53 23.65 4.99
CA LEU B 13 16.31 22.71 3.90
C LEU B 13 15.91 21.34 4.47
N MET B 14 16.71 20.82 5.41
CA MET B 14 16.44 19.52 6.05
C MET B 14 15.10 19.52 6.79
N GLU B 15 14.69 20.66 7.34
CA GLU B 15 13.44 20.77 8.08
C GLU B 15 12.23 20.70 7.14
N HIS B 16 12.31 21.43 6.03
CA HIS B 16 11.22 21.49 5.06
C HIS B 16 11.12 20.16 4.35
N LEU B 17 12.26 19.50 4.19
CA LEU B 17 12.30 18.21 3.55
C LEU B 17 11.60 17.16 4.42
N GLU B 18 11.98 17.12 5.69
CA GLU B 18 11.41 16.20 6.64
C GLU B 18 9.90 16.37 6.78
N THR B 19 9.45 17.60 6.93
CA THR B 19 8.02 17.90 7.03
C THR B 19 7.30 17.43 5.76
N GLY B 20 7.93 17.68 4.61
CA GLY B 20 7.36 17.27 3.32
C GLY B 20 7.23 15.76 3.20
N GLN B 21 8.21 15.04 3.71
CA GLN B 21 8.16 13.59 3.68
C GLN B 21 7.05 13.05 4.60
N TYR B 22 6.83 13.71 5.72
CA TYR B 22 5.78 13.30 6.64
C TYR B 22 4.39 13.55 6.02
N LYS B 23 4.23 14.70 5.34
CA LYS B 23 2.97 15.01 4.67
C LYS B 23 2.71 14.04 3.51
N LYS B 24 3.76 13.64 2.81
CA LYS B 24 3.61 12.66 1.75
C LYS B 24 3.15 11.32 2.32
N ARG B 25 3.74 10.90 3.44
CA ARG B 25 3.34 9.65 4.06
C ARG B 25 1.87 9.69 4.52
N GLU B 26 1.41 10.85 5.00
CA GLU B 26 0.02 10.99 5.37
C GLU B 26 -0.87 10.61 4.16
N LYS B 27 -0.53 11.13 2.98
CA LYS B 27 -1.31 10.81 1.78
C LYS B 27 -1.20 9.33 1.43
N THR B 28 0.01 8.76 1.56
CA THR B 28 0.19 7.35 1.31
C THR B 28 -0.73 6.50 2.19
N LEU B 29 -0.82 6.85 3.47
CA LEU B 29 -1.67 6.08 4.36
C LEU B 29 -3.15 6.13 3.95
N ALA B 30 -3.62 7.28 3.47
CA ALA B 30 -5.02 7.38 3.03
C ALA B 30 -5.25 6.44 1.82
N TYR B 31 -4.30 6.41 0.90
CA TYR B 31 -4.38 5.54 -0.26
C TYR B 31 -4.31 4.07 0.12
N MET B 32 -3.35 3.71 0.99
CA MET B 32 -3.25 2.32 1.38
CA MET B 32 -3.21 2.35 1.51
C MET B 32 -4.52 1.85 2.11
N THR B 33 -5.10 2.71 2.92
CA THR B 33 -6.33 2.35 3.61
C THR B 33 -7.45 2.05 2.58
N LYS B 34 -7.55 2.89 1.55
CA LYS B 34 -8.56 2.63 0.54
CA LYS B 34 -8.52 2.68 0.49
C LYS B 34 -8.33 1.29 -0.17
N ILE B 35 -7.09 0.97 -0.55
CA ILE B 35 -6.87 -0.29 -1.25
C ILE B 35 -7.04 -1.51 -0.32
N LEU B 36 -6.73 -1.35 0.98
CA LEU B 36 -6.96 -2.45 1.93
C LEU B 36 -8.45 -2.72 2.10
N GLU B 37 -9.24 -1.66 2.22
CA GLU B 37 -10.68 -1.79 2.25
C GLU B 37 -11.21 -2.53 1.03
N GLN B 38 -10.73 -2.11 -0.15
CA GLN B 38 -11.15 -2.75 -1.38
C GLN B 38 -10.81 -4.24 -1.40
N GLY B 39 -9.70 -4.62 -0.77
CA GLY B 39 -9.32 -6.01 -0.71
C GLY B 39 -10.26 -6.83 0.17
N ILE B 40 -10.53 -6.33 1.39
CA ILE B 40 -11.32 -7.11 2.32
C ILE B 40 -12.80 -7.17 1.85
N HIS B 41 -13.26 -6.21 1.06
CA HIS B 41 -14.62 -6.26 0.61
C HIS B 41 -14.89 -7.55 -0.18
N GLU B 42 -13.89 -8.10 -0.88
CA GLU B 42 -14.13 -9.26 -1.78
CA GLU B 42 -14.11 -9.24 -1.77
C GLU B 42 -14.78 -10.38 -1.04
N TYR B 43 -14.38 -10.63 0.25
CA TYR B 43 -14.99 -11.69 1.05
C TYR B 43 -16.14 -11.20 2.01
N TYR B 44 -16.20 -9.89 2.32
CA TYR B 44 -17.36 -9.40 3.00
C TYR B 44 -18.64 -9.64 2.15
N LYS B 45 -18.48 -9.64 0.86
CA LYS B 45 -19.57 -9.90 -0.07
CA LYS B 45 -19.60 -9.87 -0.02
C LYS B 45 -20.10 -11.31 -0.02
N SER B 46 -19.31 -12.25 0.49
CA SER B 46 -19.57 -13.70 0.39
CA SER B 46 -19.67 -13.65 0.37
C SER B 46 -19.86 -14.40 1.71
N PHE B 47 -19.19 -13.96 2.77
CA PHE B 47 -19.23 -14.62 4.07
C PHE B 47 -19.97 -13.82 5.11
N ASP B 48 -20.42 -14.52 6.16
CA ASP B 48 -21.06 -13.83 7.28
CA ASP B 48 -21.06 -13.84 7.29
C ASP B 48 -20.08 -12.86 7.96
N ASN B 49 -20.63 -11.89 8.66
CA ASN B 49 -19.82 -10.86 9.28
C ASN B 49 -18.70 -11.40 10.16
N ASP B 50 -19.01 -12.37 11.01
CA ASP B 50 -17.99 -12.85 11.95
CA ASP B 50 -18.03 -12.92 11.95
C ASP B 50 -16.84 -13.49 11.19
N THR B 51 -17.12 -14.28 10.18
CA THR B 51 -16.11 -14.93 9.39
C THR B 51 -15.26 -13.91 8.61
N ALA B 52 -15.94 -12.97 7.94
CA ALA B 52 -15.26 -11.98 7.13
C ALA B 52 -14.35 -11.11 8.02
N ARG B 53 -14.84 -10.72 9.20
CA ARG B 53 -14.05 -9.89 10.10
C ARG B 53 -12.81 -10.68 10.57
N LYS B 54 -12.98 -11.96 10.93
CA LYS B 54 -11.84 -12.75 11.34
CA LYS B 54 -11.84 -12.74 11.37
C LYS B 54 -10.79 -12.83 10.25
N MET B 55 -11.21 -12.94 9.00
CA MET B 55 -10.27 -12.98 7.88
C MET B 55 -9.52 -11.64 7.73
N ALA B 56 -10.25 -10.54 7.80
CA ALA B 56 -9.66 -9.22 7.68
C ALA B 56 -8.62 -8.98 8.77
N LEU B 57 -8.98 -9.35 10.02
CA LEU B 57 -8.09 -9.08 11.14
C LEU B 57 -6.89 -10.05 11.14
N ASP B 58 -7.07 -11.25 10.60
CA ASP B 58 -5.95 -12.17 10.40
C ASP B 58 -4.96 -11.62 9.38
N TYR B 59 -5.48 -11.09 8.28
CA TYR B 59 -4.67 -10.38 7.30
C TYR B 59 -3.93 -9.21 7.96
N PHE B 60 -4.65 -8.38 8.73
CA PHE B 60 -4.00 -7.22 9.34
C PHE B 60 -2.87 -7.67 10.31
N LYS B 61 -3.09 -8.79 11.01
CA LYS B 61 -2.01 -9.36 11.84
CA LYS B 61 -2.01 -9.31 11.85
C LYS B 61 -0.76 -9.60 11.01
N ARG B 62 -0.94 -10.18 9.83
CA ARG B 62 0.18 -10.42 8.96
C ARG B 62 0.88 -9.13 8.46
N ILE B 63 0.10 -8.09 8.17
CA ILE B 63 0.68 -6.80 7.82
C ILE B 63 1.54 -6.29 8.99
N ASN B 64 1.01 -6.31 10.20
CA ASN B 64 1.77 -5.77 11.32
C ASN B 64 3.03 -6.64 11.58
N ASP B 65 2.91 -7.95 11.39
CA ASP B 65 4.04 -8.87 11.59
C ASP B 65 5.15 -8.66 10.55
N ASP B 66 4.81 -8.05 9.40
CA ASP B 66 5.79 -7.70 8.39
C ASP B 66 6.79 -6.63 8.88
N LYS B 67 6.37 -5.83 9.87
CA LYS B 67 7.23 -4.79 10.44
C LYS B 67 7.83 -3.89 9.37
N GLY B 68 6.95 -3.41 8.51
CA GLY B 68 7.30 -2.56 7.39
C GLY B 68 6.73 -1.17 7.50
N MET B 69 6.20 -0.66 6.39
CA MET B 69 5.80 0.73 6.34
C MET B 69 4.67 1.08 7.28
N ILE B 70 3.70 0.19 7.38
CA ILE B 70 2.47 0.47 8.11
C ILE B 70 2.11 -0.58 9.15
N TYR B 71 1.32 -0.15 10.13
CA TYR B 71 0.78 -1.02 11.16
C TYR B 71 -0.68 -0.62 11.30
N MET B 72 -1.55 -1.62 11.32
CA MET B 72 -2.97 -1.38 11.40
C MET B 72 -3.46 -1.35 12.86
N VAL B 73 -4.54 -0.59 13.07
CA VAL B 73 -5.32 -0.57 14.30
C VAL B 73 -6.78 -0.54 13.83
N VAL B 74 -7.69 -1.25 14.49
CA VAL B 74 -9.07 -1.25 14.10
C VAL B 74 -9.97 -1.10 15.29
N VAL B 75 -10.98 -0.21 15.20
CA VAL B 75 -12.00 -0.06 16.23
C VAL B 75 -13.37 -0.10 15.56
N ASP B 76 -14.42 -0.38 16.32
CA ASP B 76 -15.76 -0.29 15.75
C ASP B 76 -16.27 1.14 15.87
N LYS B 77 -17.48 1.38 15.31
CA LYS B 77 -17.99 2.73 15.24
C LYS B 77 -18.21 3.40 16.58
N ASN B 78 -18.33 2.59 17.62
CA ASN B 78 -18.52 3.08 18.97
C ASN B 78 -17.24 3.17 19.78
N GLY B 79 -16.12 2.78 19.17
CA GLY B 79 -14.83 2.83 19.86
C GLY B 79 -14.40 1.59 20.58
N VAL B 80 -15.08 0.47 20.36
CA VAL B 80 -14.62 -0.83 20.91
C VAL B 80 -13.39 -1.23 20.07
N VAL B 81 -12.31 -1.58 20.75
CA VAL B 81 -11.09 -1.96 20.06
C VAL B 81 -11.25 -3.38 19.48
N LEU B 82 -11.05 -3.51 18.17
CA LEU B 82 -11.13 -4.78 17.48
C LEU B 82 -9.76 -5.43 17.23
N PHE B 83 -8.75 -4.62 17.00
CA PHE B 83 -7.44 -5.11 16.61
C PHE B 83 -6.41 -4.09 17.02
N ASP B 84 -5.45 -4.54 17.85
CA ASP B 84 -4.30 -3.72 18.25
C ASP B 84 -3.29 -4.60 18.96
N PRO B 85 -2.39 -5.23 18.21
CA PRO B 85 -1.40 -6.11 18.83
C PRO B 85 -0.45 -5.44 19.83
N VAL B 86 -0.31 -4.14 19.75
CA VAL B 86 0.54 -3.43 20.70
C VAL B 86 -0.11 -3.39 22.10
N ASN B 87 -1.43 -3.37 22.13
CA ASN B 87 -2.21 -3.22 23.33
C ASN B 87 -3.29 -4.30 23.40
N PRO B 88 -2.87 -5.55 23.54
CA PRO B 88 -3.81 -6.64 23.41
C PRO B 88 -4.90 -6.67 24.48
N LYS B 89 -4.62 -6.12 25.66
CA LYS B 89 -5.63 -6.12 26.73
C LYS B 89 -6.79 -5.20 26.39
N THR B 90 -6.62 -4.28 25.45
CA THR B 90 -7.69 -3.37 25.10
C THR B 90 -8.71 -4.00 24.11
N VAL B 91 -8.33 -5.10 23.46
CA VAL B 91 -9.17 -5.73 22.48
C VAL B 91 -10.46 -6.23 23.13
N GLY B 92 -11.60 -5.87 22.55
CA GLY B 92 -12.92 -6.24 23.06
C GLY B 92 -13.51 -5.30 24.08
N GLN B 93 -12.72 -4.29 24.47
CA GLN B 93 -13.12 -3.27 25.42
C GLN B 93 -13.40 -1.97 24.74
N SER B 94 -14.20 -1.11 25.34
CA SER B 94 -14.32 0.24 24.88
C SER B 94 -12.93 0.89 24.97
N GLY B 95 -12.55 1.60 23.91
CA GLY B 95 -11.31 2.34 23.94
C GLY B 95 -11.52 3.83 24.11
N LEU B 96 -12.74 4.25 24.45
CA LEU B 96 -13.03 5.69 24.54
C LEU B 96 -12.18 6.42 25.58
N ASP B 97 -11.79 5.75 26.65
CA ASP B 97 -10.96 6.39 27.68
C ASP B 97 -9.50 5.99 27.62
N ALA B 98 -9.12 5.26 26.58
CA ALA B 98 -7.72 4.86 26.40
C ALA B 98 -6.88 6.09 26.08
N GLN B 99 -5.76 6.21 26.76
CA GLN B 99 -4.84 7.34 26.51
CA GLN B 99 -4.89 7.31 26.54
C GLN B 99 -3.46 6.84 26.23
N SER B 100 -2.83 7.44 25.25
CA SER B 100 -1.43 7.20 24.98
C SER B 100 -0.61 7.77 26.13
N VAL B 101 0.67 7.44 26.14
CA VAL B 101 1.56 7.91 27.21
C VAL B 101 1.71 9.44 27.21
N ASP B 102 1.53 10.07 26.04
CA ASP B 102 1.54 11.51 25.94
C ASP B 102 0.16 12.15 26.08
N GLY B 103 -0.81 11.41 26.59
CA GLY B 103 -2.07 11.95 26.99
C GLY B 103 -3.08 12.17 25.90
N VAL B 104 -2.96 11.44 24.80
CA VAL B 104 -3.90 11.56 23.70
C VAL B 104 -4.94 10.45 23.75
N TYR B 105 -6.23 10.82 23.66
CA TYR B 105 -7.31 9.83 23.57
C TYR B 105 -7.29 9.35 22.13
N TYR B 106 -6.47 8.37 21.83
CA TYR B 106 -6.21 8.01 20.45
C TYR B 106 -7.43 7.40 19.76
N VAL B 107 -8.23 6.64 20.48
CA VAL B 107 -9.45 6.07 19.87
C VAL B 107 -10.48 7.18 19.58
N ARG B 108 -10.61 8.15 20.48
CA ARG B 108 -11.45 9.31 20.19
C ARG B 108 -10.94 10.00 18.90
N GLY B 109 -9.63 10.12 18.75
CA GLY B 109 -9.08 10.70 17.54
C GLY B 109 -9.42 9.91 16.30
N TYR B 110 -9.35 8.59 16.36
CA TYR B 110 -9.69 7.77 15.21
C TYR B 110 -11.15 8.07 14.79
N LEU B 111 -12.05 8.14 15.78
CA LEU B 111 -13.47 8.32 15.52
C LEU B 111 -13.76 9.73 14.99
N GLU B 112 -13.13 10.76 15.57
CA GLU B 112 -13.34 12.13 15.10
CA GLU B 112 -13.29 12.14 15.11
C GLU B 112 -12.89 12.27 13.66
N ALA B 113 -11.75 11.69 13.31
CA ALA B 113 -11.24 11.73 11.95
C ALA B 113 -12.20 11.01 11.02
N ALA B 114 -12.67 9.83 11.43
CA ALA B 114 -13.56 9.05 10.57
C ALA B 114 -14.89 9.77 10.34
N LYS B 115 -15.35 10.49 11.35
CA LYS B 115 -16.64 11.20 11.22
CA LYS B 115 -16.64 11.23 11.22
C LYS B 115 -16.56 12.31 10.14
N LYS B 116 -15.38 12.86 9.94
CA LYS B 116 -15.11 13.89 8.95
C LYS B 116 -14.84 13.32 7.55
N GLY B 117 -14.89 12.01 7.40
CA GLY B 117 -14.61 11.39 6.13
C GLY B 117 -13.19 10.84 5.96
N GLY B 118 -12.43 10.87 7.05
CA GLY B 118 -11.06 10.41 7.08
C GLY B 118 -10.20 11.50 7.61
N GLY B 119 -9.16 11.12 8.35
CA GLY B 119 -8.26 12.08 8.91
C GLY B 119 -7.20 11.48 9.83
N TYR B 120 -6.49 12.35 10.56
CA TYR B 120 -5.27 11.97 11.24
C TYR B 120 -5.30 12.18 12.75
N THR B 121 -4.61 11.29 13.46
CA THR B 121 -4.45 11.35 14.91
C THR B 121 -2.94 11.16 15.20
N TYR B 122 -2.40 12.00 16.09
CA TYR B 122 -0.95 12.04 16.39
C TYR B 122 -0.75 11.73 17.87
N TYR B 123 0.15 10.78 18.15
CA TYR B 123 0.32 10.31 19.53
C TYR B 123 1.59 9.47 19.60
N LYS B 124 2.00 9.13 20.82
CA LYS B 124 3.17 8.29 21.05
C LYS B 124 2.70 6.89 21.45
N MET B 125 3.40 5.88 20.95
CA MET B 125 3.03 4.50 21.21
C MET B 125 4.21 3.60 20.89
N PRO B 126 4.36 2.47 21.61
CA PRO B 126 5.39 1.54 21.16
C PRO B 126 5.09 0.95 19.80
N LYS B 127 6.09 0.33 19.21
CA LYS B 127 5.93 -0.47 18.01
C LYS B 127 5.43 -1.88 18.31
N TYR B 128 5.65 -2.36 19.54
CA TYR B 128 5.21 -3.69 19.98
C TYR B 128 4.92 -3.61 21.45
N ASP B 129 4.15 -4.59 21.93
CA ASP B 129 3.72 -4.66 23.33
C ASP B 129 4.96 -4.72 24.22
N GLY B 130 5.13 -3.73 25.08
CA GLY B 130 6.28 -3.66 25.97
C GLY B 130 7.49 -2.90 25.46
N GLY B 131 7.40 -2.33 24.27
CA GLY B 131 8.48 -1.59 23.70
C GLY B 131 8.54 -0.12 24.15
N VAL B 132 9.61 0.58 23.78
CA VAL B 132 9.76 1.98 24.10
C VAL B 132 8.75 2.79 23.24
N PRO B 133 8.03 3.71 23.85
CA PRO B 133 7.10 4.52 23.02
C PRO B 133 7.81 5.46 22.05
N GLU B 134 7.22 5.61 20.88
CA GLU B 134 7.75 6.61 19.99
CA GLU B 134 7.72 6.36 19.72
C GLU B 134 6.62 7.25 19.17
N LYS B 135 6.96 8.40 18.62
CA LYS B 135 5.95 9.22 17.97
C LYS B 135 5.44 8.55 16.69
N LYS B 136 4.12 8.63 16.48
CA LYS B 136 3.50 8.04 15.29
C LYS B 136 2.26 8.84 14.90
N PHE B 137 1.67 8.45 13.79
CA PHE B 137 0.38 9.02 13.41
C PHE B 137 -0.46 7.95 12.73
N ALA B 138 -1.77 8.17 12.75
CA ALA B 138 -2.73 7.25 12.20
C ALA B 138 -3.65 8.00 11.24
N TYR B 139 -3.90 7.40 10.08
CA TYR B 139 -5.02 7.79 9.21
C TYR B 139 -6.16 6.83 9.50
N SER B 140 -7.34 7.34 9.85
CA SER B 140 -8.49 6.49 10.06
C SER B 140 -9.61 6.84 9.08
N HIS B 141 -10.44 5.85 8.84
CA HIS B 141 -11.55 5.94 7.91
C HIS B 141 -12.59 4.91 8.26
N TYR B 142 -13.87 5.31 8.20
CA TYR B 142 -14.96 4.38 8.42
C TYR B 142 -15.34 3.66 7.11
N ASP B 143 -15.14 2.35 7.12
CA ASP B 143 -15.47 1.49 5.99
C ASP B 143 -16.91 1.03 6.12
N GLU B 144 -17.82 1.55 5.31
CA GLU B 144 -19.26 1.18 5.46
CA GLU B 144 -19.24 1.21 5.43
C GLU B 144 -19.54 -0.28 5.22
N VAL B 145 -18.82 -0.92 4.30
CA VAL B 145 -19.06 -2.35 4.03
C VAL B 145 -18.80 -3.19 5.28
N SER B 146 -17.59 -3.05 5.86
CA SER B 146 -17.25 -3.85 7.02
C SER B 146 -17.75 -3.28 8.33
N GLN B 147 -18.17 -2.03 8.31
CA GLN B 147 -18.59 -1.28 9.48
C GLN B 147 -17.46 -1.22 10.54
N MET B 148 -16.23 -1.06 10.07
CA MET B 148 -15.11 -0.89 10.93
C MET B 148 -14.43 0.43 10.68
N VAL B 149 -13.90 1.06 11.75
CA VAL B 149 -13.02 2.23 11.63
C VAL B 149 -11.60 1.66 11.54
N ILE B 150 -11.05 1.73 10.33
CA ILE B 150 -9.75 1.16 10.01
C ILE B 150 -8.71 2.27 10.05
N ALA B 151 -7.61 2.02 10.79
CA ALA B 151 -6.51 2.95 10.89
C ALA B 151 -5.21 2.34 10.36
N ALA B 152 -4.62 2.98 9.35
CA ALA B 152 -3.28 2.67 8.87
C ALA B 152 -2.36 3.65 9.61
N THR B 153 -1.26 3.15 10.20
CA THR B 153 -0.41 3.99 11.00
C THR B 153 1.06 3.81 10.60
N SER B 154 1.84 4.86 10.85
CA SER B 154 3.29 4.81 10.63
C SER B 154 4.01 5.56 11.75
N TYR B 155 5.24 5.14 11.98
CA TYR B 155 6.13 5.71 12.98
C TYR B 155 7.12 6.66 12.31
N TYR B 156 7.36 7.83 12.91
CA TYR B 156 8.29 8.79 12.30
C TYR B 156 9.68 8.18 12.16
N THR B 157 10.14 7.36 13.11
CA THR B 157 11.48 6.74 12.98
CA THR B 157 11.45 6.83 13.01
C THR B 157 11.58 5.98 11.69
N ASP B 158 10.51 5.28 11.31
CA ASP B 158 10.53 4.46 10.12
C ASP B 158 10.55 5.34 8.85
N ILE B 159 9.77 6.41 8.85
CA ILE B 159 9.78 7.34 7.72
C ILE B 159 11.20 7.87 7.55
N ASN B 160 11.84 8.26 8.67
CA ASN B 160 13.20 8.75 8.60
C ASN B 160 14.18 7.71 8.05
N THR B 161 14.03 6.46 8.48
CA THR B 161 14.87 5.36 7.97
C THR B 161 14.73 5.24 6.45
N GLU B 162 13.49 5.25 5.98
CA GLU B 162 13.21 5.10 4.55
C GLU B 162 13.80 6.22 3.73
N ASN B 163 13.88 7.39 4.32
CA ASN B 163 14.38 8.61 3.67
C ASN B 163 15.84 8.95 3.98
N LYS B 164 16.56 8.02 4.61
CA LYS B 164 17.94 8.27 5.02
C LYS B 164 18.85 8.47 3.79
N ALA B 165 18.72 7.63 2.76
CA ALA B 165 19.58 7.76 1.57
C ALA B 165 19.39 9.11 0.92
N ILE B 166 18.14 9.57 0.85
CA ILE B 166 17.81 10.89 0.31
C ILE B 166 18.47 11.99 1.16
N LYS B 167 18.43 11.83 2.48
CA LYS B 167 19.01 12.80 3.39
C LYS B 167 20.53 12.83 3.26
N GLU B 168 21.14 11.66 3.10
CA GLU B 168 22.60 11.55 3.00
C GLU B 168 23.10 12.14 1.68
N GLY B 169 22.27 12.06 0.64
CA GLY B 169 22.62 12.63 -0.66
C GLY B 169 22.60 14.16 -0.59
N VAL B 170 21.61 14.72 0.08
CA VAL B 170 21.49 16.16 0.26
C VAL B 170 22.70 16.68 1.01
N ASN B 171 23.09 15.97 2.06
CA ASN B 171 24.27 16.32 2.82
C ASN B 171 25.52 16.23 1.93
N LYS B 172 25.50 15.30 0.96
CA LYS B 172 26.61 15.16 0.01
C LYS B 172 26.86 16.50 -0.68
N VAL B 173 25.79 17.24 -0.95
CA VAL B 173 25.89 18.56 -1.59
C VAL B 173 25.58 19.69 -0.59
C URE C . 1.59 -2.51 -18.30
O URE C . 2.47 -1.90 -17.71
N1 URE C . 1.88 -3.68 -18.98
N2 URE C . 0.31 -1.97 -18.39
S SO4 D . 7.09 6.81 -2.31
O1 SO4 D . 8.14 7.33 -1.47
O2 SO4 D . 7.10 5.37 -2.46
O3 SO4 D . 5.79 7.13 -1.71
O4 SO4 D . 7.12 7.41 -3.61
C1 PEG E . 2.51 -14.92 2.96
O1 PEG E . 3.27 -14.47 1.84
C2 PEG E . 3.08 -14.38 4.27
O2 PEG E . 2.85 -15.33 5.33
C3 PEG E . 2.70 -14.73 6.61
C4 PEG E . 2.88 -15.84 7.62
O4 PEG E . 1.63 -16.18 8.21
S SO4 F . 1.48 -15.00 4.30
O1 SO4 F . 2.17 -14.04 5.05
O2 SO4 F . 1.45 -16.24 5.09
O3 SO4 F . 0.12 -14.60 3.92
O4 SO4 F . 2.21 -15.40 3.10
C1 GOL G . -0.51 9.54 -8.06
O1 GOL G . -0.46 8.95 -6.79
C2 GOL G . -0.59 11.05 -8.02
O2 GOL G . -1.56 11.51 -7.09
C3 GOL G . -0.96 11.56 -9.42
O3 GOL G . -2.36 11.65 -9.58
C1 GOL H . 12.68 8.27 -15.65
O1 GOL H . 13.97 7.74 -15.39
C2 GOL H . 12.74 9.78 -15.77
O2 GOL H . 13.75 10.26 -14.92
C3 GOL H . 11.43 10.46 -15.39
O3 GOL H . 10.54 10.56 -16.49
C1 GOL I . -6.45 -10.07 -30.69
O1 GOL I . -5.12 -9.70 -30.46
C2 GOL I . -7.16 -9.17 -31.65
O2 GOL I . -6.39 -8.01 -31.81
C3 GOL I . -8.54 -8.86 -31.08
O3 GOL I . -9.21 -7.91 -31.90
C1 GOL J . 15.88 -7.12 -23.92
O1 GOL J . 16.89 -7.33 -22.95
C2 GOL J . 15.13 -5.84 -23.58
O2 GOL J . 13.81 -6.15 -23.18
C3 GOL J . 15.82 -5.07 -22.49
O3 GOL J . 15.32 -3.76 -22.38
C URE K . -1.72 1.84 18.27
O URE K . -1.23 2.74 17.59
N1 URE K . -1.01 0.65 18.38
N2 URE K . -2.87 2.02 18.98
S SO4 L . 6.16 7.71 1.68
O1 SO4 L . 6.86 7.91 2.91
O2 SO4 L . 6.74 6.61 0.91
O3 SO4 L . 4.81 7.38 2.02
O4 SO4 L . 6.23 8.91 0.92
C1 GOL M . 4.75 -5.60 15.36
O1 GOL M . 5.65 -4.67 15.91
C2 GOL M . 4.13 -6.38 16.52
O2 GOL M . 3.32 -5.51 17.29
C3 GOL M . 3.27 -7.51 15.97
O3 GOL M . 4.12 -8.42 15.31
C1 GOL N . 12.44 0.17 7.78
O1 GOL N . 12.74 0.62 6.48
C2 GOL N . 10.99 -0.26 7.83
O2 GOL N . 10.66 -0.74 9.09
C3 GOL N . 10.13 0.95 7.54
O3 GOL N . 9.52 0.77 6.32
C1 GOL O . 8.78 14.19 15.53
O1 GOL O . 9.46 12.99 15.19
C2 GOL O . 7.91 14.66 14.38
O2 GOL O . 8.58 15.68 13.66
C3 GOL O . 6.59 15.22 14.90
O3 GOL O . 5.97 15.96 13.87
C1 GOL P . 10.03 -6.48 17.87
O1 GOL P . 10.81 -6.01 16.80
C2 GOL P . 10.90 -7.25 18.86
O2 GOL P . 10.16 -7.51 20.03
C3 GOL P . 12.14 -6.44 19.21
O3 GOL P . 12.42 -6.62 20.57
C1 GOL Q . 8.74 -7.83 19.28
O1 GOL Q . 9.99 -8.35 18.91
C2 GOL Q . 7.76 -8.07 18.14
O2 GOL Q . 7.68 -6.93 17.31
C3 GOL Q . 6.39 -8.47 18.69
O3 GOL Q . 5.77 -9.38 17.81
#